data_8IZC
#
_entry.id   8IZC
#
_cell.length_a   44.999
_cell.length_b   48.950
_cell.length_c   82.052
_cell.angle_alpha   95.75
_cell.angle_beta   95.25
_cell.angle_gamma   106.12
#
_symmetry.space_group_name_H-M   'P 1'
#
loop_
_entity.id
_entity.type
_entity.pdbx_description
1 polymer 'Casein kinase I isoform delta'
2 non-polymer 'SULFATE ION'
3 non-polymer ~{N}5-~{tert}-butyl-2-(3-chloranyl-4-fluoranyl-phenyl)-6,7-dihydro-4~{H}-pyrazolo[1,5-a]pyrazine-3,5-dicarboxamide
4 water water
#
_entity_poly.entity_id   1
_entity_poly.type   'polypeptide(L)'
_entity_poly.pdbx_seq_one_letter_code
;MVGNRYRLGRKIGSGSFGDIYLGTDIAAGEEVAIKLECVKTKHPQLHIESKIYKMMQGGVGIPTIRWCGAEGDYNVMVME
LLGPSLEDLFNFCSRKFSLKTVLLLADQMISRIEYIHSKNFIHRDVKPDNFLMGLGKKGNLVYIIDFGLAKKYRDARTHQ
HIPYRENKNLTGTARYASINTHLGIEQSRRDDLESLGYVLMYFNLGSLPWQGLKAATKRQKYERISEKKMSTPIEVLCKG
YPSEFATYLNFCRSLRFDDKPDYSYLRQLFRNLFHRQGFSYDYVFDWNMLK
;
_entity_poly.pdbx_strand_id   A,B
#
loop_
_chem_comp.id
_chem_comp.type
_chem_comp.name
_chem_comp.formula
S93 non-polymer ~{N}5-~{tert}-butyl-2-(3-chloranyl-4-fluoranyl-phenyl)-6,7-dihydro-4~{H}-pyrazolo[1,5-a]pyrazine-3,5-dicarboxamide 'C18 H21 Cl F N5 O2'
SO4 non-polymer 'SULFATE ION' 'O4 S -2'
#
# COMPACT_ATOMS: atom_id res chain seq x y z
N MET A 1 12.68 2.29 11.05
CA MET A 1 11.78 3.44 11.01
C MET A 1 10.87 3.46 12.19
N VAL A 2 10.66 2.24 12.72
CA VAL A 2 9.81 1.81 13.80
C VAL A 2 9.34 2.88 14.78
N GLY A 3 9.98 2.94 15.94
CA GLY A 3 9.47 3.69 17.09
C GLY A 3 8.28 2.86 17.51
N ASN A 4 7.08 3.45 17.62
CA ASN A 4 5.86 2.71 17.90
C ASN A 4 4.81 2.96 16.80
N ARG A 5 5.07 3.96 15.92
CA ARG A 5 4.16 4.44 14.88
C ARG A 5 4.26 3.75 13.52
N TYR A 6 5.48 3.42 13.07
CA TYR A 6 5.68 2.85 11.73
C TYR A 6 6.08 1.41 11.72
N ARG A 7 5.34 0.58 10.98
CA ARG A 7 5.66 -0.81 10.83
C ARG A 7 6.35 -0.97 9.47
N LEU A 8 7.53 -1.57 9.45
CA LEU A 8 8.28 -1.82 8.24
C LEU A 8 7.76 -3.08 7.54
N GLY A 9 7.54 -2.98 6.25
CA GLY A 9 7.10 -4.09 5.42
C GLY A 9 8.24 -4.55 4.52
N ARG A 10 7.89 -4.92 3.28
CA ARG A 10 8.82 -5.42 2.27
C ARG A 10 9.84 -4.37 1.81
N LYS A 11 11.10 -4.79 1.64
CA LYS A 11 12.16 -3.93 1.11
C LYS A 11 11.92 -3.81 -0.41
N ILE A 12 11.84 -2.59 -0.92
CA ILE A 12 11.61 -2.37 -2.35
C ILE A 12 12.87 -1.82 -3.05
N GLY A 13 13.82 -1.31 -2.25
CA GLY A 13 15.07 -0.75 -2.74
C GLY A 13 16.07 -0.42 -1.64
N PHE A 17 22.35 5.51 -0.79
CA PHE A 17 22.06 6.22 0.44
C PHE A 17 21.20 5.44 1.44
N GLY A 18 20.95 4.16 1.20
CA GLY A 18 20.12 3.36 2.10
C GLY A 18 19.02 2.55 1.46
N ASP A 19 18.35 1.72 2.28
CA ASP A 19 17.27 0.84 1.85
C ASP A 19 15.90 1.51 1.95
N ILE A 20 15.00 1.15 1.05
CA ILE A 20 13.63 1.70 1.02
C ILE A 20 12.67 0.55 1.26
N TYR A 21 11.69 0.78 2.14
CA TYR A 21 10.71 -0.23 2.47
C TYR A 21 9.31 0.31 2.30
N LEU A 22 8.37 -0.56 2.03
CA LEU A 22 6.96 -0.21 2.11
C LEU A 22 6.72 -0.27 3.62
N GLY A 23 5.78 0.50 4.10
CA GLY A 23 5.49 0.50 5.53
C GLY A 23 4.10 1.00 5.83
N THR A 24 3.74 0.99 7.11
CA THR A 24 2.44 1.49 7.49
C THR A 24 2.59 2.46 8.61
N ASP A 25 1.96 3.62 8.43
CA ASP A 25 1.87 4.62 9.49
C ASP A 25 0.59 4.20 10.22
N ILE A 26 0.76 3.47 11.34
CA ILE A 26 -0.35 2.93 12.14
C ILE A 26 -1.23 4.04 12.70
N ALA A 27 -0.59 5.14 13.18
CA ALA A 27 -1.32 6.24 13.79
C ALA A 27 -2.19 7.02 12.80
N ALA A 28 -1.67 7.26 11.56
CA ALA A 28 -2.42 7.98 10.55
C ALA A 28 -3.28 7.05 9.69
N GLY A 29 -3.03 5.73 9.79
CA GLY A 29 -3.75 4.76 8.97
C GLY A 29 -3.44 4.93 7.50
N GLU A 30 -2.16 4.95 7.15
CA GLU A 30 -1.75 5.13 5.77
C GLU A 30 -0.61 4.24 5.44
N GLU A 31 -0.63 3.65 4.23
CA GLU A 31 0.50 2.88 3.76
C GLU A 31 1.48 3.95 3.22
N VAL A 32 2.75 3.83 3.54
CA VAL A 32 3.79 4.82 3.20
C VAL A 32 5.04 4.07 2.68
N ALA A 33 6.08 4.84 2.34
CA ALA A 33 7.38 4.26 2.05
C ALA A 33 8.38 4.89 3.00
N ILE A 34 9.37 4.11 3.45
CA ILE A 34 10.33 4.57 4.45
C ILE A 34 11.75 4.29 3.99
N LYS A 35 12.60 5.31 4.05
CA LYS A 35 14.00 5.17 3.68
C LYS A 35 14.82 5.20 4.97
N LEU A 36 15.76 4.25 5.08
CA LEU A 36 16.63 4.12 6.25
C LEU A 36 18.08 4.32 5.87
N GLU A 37 18.76 5.23 6.57
CA GLU A 37 20.18 5.51 6.39
C GLU A 37 20.87 5.17 7.71
N CYS A 38 21.96 4.41 7.67
CA CYS A 38 22.71 4.08 8.88
C CYS A 38 23.22 5.39 9.51
N VAL A 39 22.97 5.60 10.81
CA VAL A 39 23.37 6.82 11.54
C VAL A 39 24.89 7.06 11.54
N LYS A 40 25.68 5.97 11.46
CA LYS A 40 27.15 6.02 11.45
C LYS A 40 27.76 5.93 10.05
N THR A 41 26.96 6.23 8.99
CA THR A 41 27.46 6.21 7.61
C THR A 41 28.52 7.30 7.43
N LYS A 42 29.55 7.02 6.61
CA LYS A 42 30.65 7.95 6.33
C LYS A 42 30.17 9.21 5.60
N HIS A 43 29.20 9.06 4.68
CA HIS A 43 28.65 10.17 3.90
C HIS A 43 27.14 10.36 4.14
N PRO A 44 26.73 11.00 5.26
CA PRO A 44 25.28 11.20 5.50
C PRO A 44 24.66 12.14 4.47
N GLN A 45 23.50 11.75 3.90
CA GLN A 45 22.82 12.57 2.89
C GLN A 45 21.28 12.59 3.03
N LEU A 46 20.70 11.72 3.89
CA LEU A 46 19.23 11.66 4.03
C LEU A 46 18.61 12.97 4.53
N HIS A 47 19.19 13.60 5.58
CA HIS A 47 18.67 14.85 6.12
C HIS A 47 18.81 15.94 5.05
N ILE A 48 19.98 16.02 4.37
CA ILE A 48 20.22 16.96 3.28
C ILE A 48 19.15 16.77 2.18
N GLU A 49 18.92 15.51 1.73
CA GLU A 49 17.87 15.24 0.75
C GLU A 49 16.50 15.68 1.23
N SER A 50 16.12 15.39 2.52
CA SER A 50 14.81 15.77 3.04
C SER A 50 14.53 17.25 2.94
N LYS A 51 15.58 18.10 3.18
CA LYS A 51 15.38 19.56 3.10
C LYS A 51 15.12 20.02 1.65
N ILE A 52 15.72 19.31 0.64
CA ILE A 52 15.47 19.64 -0.77
C ILE A 52 14.02 19.29 -1.11
N TYR A 53 13.54 18.09 -0.68
CA TYR A 53 12.14 17.72 -0.90
C TYR A 53 11.20 18.75 -0.27
N LYS A 54 11.53 19.20 0.98
CA LYS A 54 10.67 20.16 1.68
C LYS A 54 10.63 21.51 0.98
N MET A 55 11.76 21.96 0.47
CA MET A 55 11.85 23.21 -0.26
C MET A 55 11.02 23.14 -1.57
N MET A 56 10.99 21.95 -2.22
CA MET A 56 10.25 21.69 -3.46
C MET A 56 8.76 21.40 -3.23
N GLN A 57 8.33 21.26 -1.96
CA GLN A 57 6.95 20.88 -1.59
C GLN A 57 5.90 21.72 -2.26
N GLY A 58 4.82 21.07 -2.70
CA GLY A 58 3.71 21.76 -3.34
C GLY A 58 3.80 21.82 -4.84
N GLY A 59 5.01 21.58 -5.39
CA GLY A 59 5.22 21.54 -6.82
C GLY A 59 4.53 20.31 -7.39
N VAL A 60 3.96 20.39 -8.60
CA VAL A 60 3.33 19.26 -9.26
C VAL A 60 4.34 18.08 -9.31
N GLY A 61 3.89 16.90 -8.92
CA GLY A 61 4.75 15.71 -8.98
C GLY A 61 5.93 15.69 -8.04
N ILE A 62 5.89 16.47 -6.92
CA ILE A 62 6.93 16.41 -5.93
C ILE A 62 6.38 15.62 -4.78
N PRO A 63 7.02 14.50 -4.40
CA PRO A 63 6.46 13.70 -3.30
C PRO A 63 6.52 14.44 -1.97
N THR A 64 5.53 14.21 -1.09
CA THR A 64 5.50 14.78 0.26
CA THR A 64 5.56 14.79 0.25
C THR A 64 6.33 13.86 1.16
N ILE A 65 7.17 14.44 2.03
CA ILE A 65 8.02 13.65 2.95
C ILE A 65 7.85 14.07 4.41
N ARG A 66 8.45 13.28 5.31
CA ARG A 66 8.53 13.52 6.75
C ARG A 66 9.89 13.04 7.26
N TRP A 67 10.75 14.00 7.67
CA TRP A 67 12.04 13.66 8.26
C TRP A 67 11.77 13.28 9.72
N CYS A 68 12.18 12.07 10.12
CA CYS A 68 11.94 11.58 11.49
C CYS A 68 13.17 11.66 12.38
N GLY A 69 14.32 11.92 11.80
CA GLY A 69 15.57 11.98 12.53
C GLY A 69 16.09 10.60 12.85
N ALA A 70 16.91 10.50 13.91
CA ALA A 70 17.50 9.24 14.35
C ALA A 70 16.54 8.42 15.21
N GLU A 71 16.27 7.19 14.77
CA GLU A 71 15.46 6.18 15.44
C GLU A 71 16.38 4.97 15.53
N GLY A 72 16.98 4.77 16.70
CA GLY A 72 17.95 3.69 16.92
C GLY A 72 19.22 3.92 16.12
N ASP A 73 19.61 2.93 15.31
CA ASP A 73 20.79 2.98 14.45
C ASP A 73 20.52 3.63 13.06
N TYR A 74 19.34 4.24 12.87
CA TYR A 74 19.00 4.81 11.56
C TYR A 74 18.44 6.19 11.54
N ASN A 75 18.72 6.91 10.45
CA ASN A 75 18.08 8.18 10.14
C ASN A 75 16.91 7.71 9.29
N VAL A 76 15.72 8.26 9.53
CA VAL A 76 14.50 7.80 8.87
C VAL A 76 13.82 8.92 8.10
N MET A 77 13.37 8.61 6.86
CA MET A 77 12.56 9.55 6.09
C MET A 77 11.36 8.78 5.58
N VAL A 78 10.17 9.30 5.86
CA VAL A 78 8.93 8.70 5.40
C VAL A 78 8.42 9.50 4.19
N MET A 79 8.03 8.81 3.12
CA MET A 79 7.46 9.47 1.96
C MET A 79 6.08 8.93 1.73
N GLU A 80 5.19 9.74 1.13
CA GLU A 80 3.90 9.22 0.70
C GLU A 80 4.11 8.01 -0.25
N LEU A 81 3.15 7.08 -0.26
CA LEU A 81 3.28 5.91 -1.11
C LEU A 81 3.00 6.29 -2.56
N LEU A 82 3.93 5.91 -3.43
CA LEU A 82 3.86 6.13 -4.86
C LEU A 82 3.83 4.79 -5.58
N GLY A 83 3.62 4.84 -6.88
CA GLY A 83 3.53 3.68 -7.73
C GLY A 83 4.87 3.24 -8.29
N PRO A 84 4.83 2.35 -9.30
CA PRO A 84 6.09 1.86 -9.90
C PRO A 84 6.89 2.94 -10.58
N SER A 85 8.20 2.71 -10.74
CA SER A 85 8.98 3.65 -11.53
C SER A 85 8.72 3.43 -13.02
N LEU A 86 9.19 4.36 -13.85
CA LEU A 86 9.04 4.19 -15.30
C LEU A 86 9.86 3.04 -15.81
N GLU A 87 10.98 2.70 -15.14
CA GLU A 87 11.76 1.53 -15.54
C GLU A 87 10.93 0.26 -15.22
N ASP A 88 10.31 0.22 -14.04
CA ASP A 88 9.44 -0.92 -13.69
C ASP A 88 8.32 -1.07 -14.71
N LEU A 89 7.65 0.04 -15.04
CA LEU A 89 6.56 0.01 -16.02
C LEU A 89 7.02 -0.37 -17.41
N PHE A 90 8.22 0.07 -17.79
CA PHE A 90 8.81 -0.31 -19.07
C PHE A 90 8.99 -1.84 -19.10
N ASN A 91 9.49 -2.43 -18.01
CA ASN A 91 9.62 -3.90 -17.88
C ASN A 91 8.27 -4.59 -17.97
N PHE A 92 7.24 -4.05 -17.28
CA PHE A 92 5.88 -4.61 -17.31
C PHE A 92 5.29 -4.57 -18.72
N CYS A 93 5.75 -3.59 -19.55
CA CYS A 93 5.31 -3.39 -20.92
C CYS A 93 6.23 -4.04 -21.95
N SER A 94 7.03 -5.03 -21.52
CA SER A 94 7.97 -5.79 -22.37
C SER A 94 9.01 -4.91 -23.06
N ARG A 95 9.44 -3.85 -22.34
CA ARG A 95 10.50 -2.93 -22.74
C ARG A 95 10.23 -2.29 -24.11
N LYS A 96 8.95 -1.94 -24.33
CA LYS A 96 8.44 -1.23 -25.48
C LYS A 96 7.33 -0.30 -25.03
N PHE A 97 7.45 1.00 -25.32
CA PHE A 97 6.38 1.97 -25.10
C PHE A 97 5.94 2.53 -26.43
N SER A 98 4.64 2.73 -26.58
CA SER A 98 4.05 3.37 -27.75
C SER A 98 4.45 4.82 -27.82
N LEU A 99 4.40 5.41 -29.01
CA LEU A 99 4.75 6.81 -29.17
C LEU A 99 3.82 7.68 -28.29
N LYS A 100 2.53 7.34 -28.21
CA LYS A 100 1.59 8.11 -27.39
C LYS A 100 2.01 8.12 -25.93
N THR A 101 2.40 6.96 -25.37
CA THR A 101 2.86 6.93 -23.97
C THR A 101 4.14 7.75 -23.82
N VAL A 102 5.09 7.62 -24.76
CA VAL A 102 6.32 8.43 -24.68
C VAL A 102 6.03 9.92 -24.68
N LEU A 103 5.06 10.39 -25.51
CA LEU A 103 4.75 11.81 -25.58
C LEU A 103 4.05 12.31 -24.33
N LEU A 104 3.17 11.49 -23.77
CA LEU A 104 2.47 11.86 -22.53
C LEU A 104 3.51 11.99 -21.41
N LEU A 105 4.46 11.04 -21.35
CA LEU A 105 5.50 11.10 -20.33
C LEU A 105 6.44 12.28 -20.55
N ALA A 106 6.84 12.52 -21.81
CA ALA A 106 7.76 13.62 -22.12
C ALA A 106 7.24 14.95 -21.62
N ASP A 107 5.93 15.22 -21.79
CA ASP A 107 5.44 16.53 -21.40
C ASP A 107 5.63 16.76 -19.91
N GLN A 108 5.29 15.74 -19.12
CA GLN A 108 5.40 15.85 -17.66
C GLN A 108 6.85 15.85 -17.20
N MET A 109 7.71 15.04 -17.85
CA MET A 109 9.11 14.99 -17.45
C MET A 109 9.84 16.29 -17.71
N ILE A 110 9.54 17.00 -18.84
CA ILE A 110 10.14 18.30 -19.11
C ILE A 110 9.69 19.28 -18.02
N SER A 111 8.36 19.28 -17.72
CA SER A 111 7.85 20.18 -16.69
C SER A 111 8.40 19.90 -15.31
N ARG A 112 8.64 18.62 -14.98
CA ARG A 112 9.21 18.30 -13.67
C ARG A 112 10.63 18.84 -13.51
N ILE A 113 11.44 18.70 -14.58
CA ILE A 113 12.80 19.22 -14.60
C ILE A 113 12.75 20.74 -14.56
N GLU A 114 11.83 21.37 -15.30
CA GLU A 114 11.71 22.83 -15.29
C GLU A 114 11.37 23.30 -13.87
N TYR A 115 10.48 22.58 -13.16
CA TYR A 115 10.14 22.98 -11.80
C TYR A 115 11.35 22.93 -10.89
N ILE A 116 12.13 21.83 -10.92
CA ILE A 116 13.36 21.72 -10.12
C ILE A 116 14.28 22.91 -10.44
N HIS A 117 14.47 23.21 -11.73
CA HIS A 117 15.29 24.35 -12.15
C HIS A 117 14.74 25.68 -11.62
N SER A 118 13.40 25.83 -11.57
CA SER A 118 12.79 27.08 -11.08
C SER A 118 13.06 27.24 -9.59
N LYS A 119 13.36 26.12 -8.89
CA LYS A 119 13.70 26.11 -7.46
C LYS A 119 15.20 26.11 -7.22
N ASN A 120 15.97 26.48 -8.29
CA ASN A 120 17.42 26.76 -8.26
C ASN A 120 18.30 25.56 -8.21
N PHE A 121 17.75 24.35 -8.47
CA PHE A 121 18.57 23.15 -8.46
C PHE A 121 18.59 22.47 -9.80
N ILE A 122 19.64 21.68 -10.00
CA ILE A 122 19.74 20.74 -11.10
C ILE A 122 19.70 19.35 -10.45
N HIS A 123 19.08 18.39 -11.15
CA HIS A 123 18.86 17.05 -10.58
C HIS A 123 20.09 16.18 -10.66
N ARG A 124 20.70 16.09 -11.85
CA ARG A 124 21.96 15.38 -12.08
C ARG A 124 21.85 13.86 -12.04
N ASP A 125 20.62 13.30 -11.99
CA ASP A 125 20.51 11.85 -12.14
C ASP A 125 19.18 11.50 -12.80
N VAL A 126 18.96 12.09 -13.97
CA VAL A 126 17.73 11.87 -14.73
C VAL A 126 17.81 10.51 -15.38
N LYS A 127 16.96 9.58 -14.92
CA LYS A 127 16.91 8.21 -15.40
C LYS A 127 15.49 7.69 -15.18
N PRO A 128 15.06 6.65 -15.89
CA PRO A 128 13.68 6.15 -15.71
C PRO A 128 13.34 5.72 -14.30
N ASP A 129 14.33 5.23 -13.52
CA ASP A 129 14.05 4.78 -12.15
C ASP A 129 13.74 5.93 -11.21
N ASN A 130 14.05 7.17 -11.63
CA ASN A 130 13.83 8.34 -10.80
C ASN A 130 12.53 9.07 -11.14
N PHE A 131 11.67 8.45 -11.93
CA PHE A 131 10.32 8.96 -12.22
C PHE A 131 9.36 7.87 -11.80
N LEU A 132 8.39 8.20 -10.94
CA LEU A 132 7.40 7.21 -10.47
C LEU A 132 6.02 7.70 -10.81
N MET A 133 5.13 6.77 -11.14
CA MET A 133 3.74 7.21 -11.32
C MET A 133 3.06 7.22 -9.95
N GLY A 134 2.05 8.03 -9.79
CA GLY A 134 1.27 8.00 -8.56
C GLY A 134 0.31 6.82 -8.57
N LEU A 135 -0.37 6.63 -7.44
CA LEU A 135 -1.39 5.59 -7.30
C LEU A 135 -2.76 6.26 -7.20
N GLY A 136 -3.82 5.50 -7.44
CA GLY A 136 -5.19 5.99 -7.27
C GLY A 136 -5.52 7.18 -8.14
N LYS A 137 -6.06 8.24 -7.54
CA LYS A 137 -6.42 9.49 -8.23
C LYS A 137 -5.18 10.18 -8.83
N LYS A 138 -3.99 9.80 -8.38
CA LYS A 138 -2.72 10.41 -8.88
C LYS A 138 -2.05 9.47 -9.91
N GLY A 139 -2.79 8.48 -10.41
CA GLY A 139 -2.28 7.50 -11.36
C GLY A 139 -1.85 8.03 -12.71
N ASN A 140 -2.24 9.27 -13.07
CA ASN A 140 -1.81 9.86 -14.35
C ASN A 140 -0.63 10.81 -14.15
N LEU A 141 -0.16 10.98 -12.90
CA LEU A 141 0.87 11.94 -12.56
C LEU A 141 2.24 11.29 -12.45
N VAL A 142 3.20 11.91 -13.14
CA VAL A 142 4.59 11.48 -13.05
C VAL A 142 5.27 12.29 -11.94
N TYR A 143 5.83 11.57 -10.94
CA TYR A 143 6.59 12.21 -9.87
C TYR A 143 8.08 12.06 -10.15
N ILE A 144 8.88 12.98 -9.61
CA ILE A 144 10.34 12.83 -9.67
C ILE A 144 10.81 12.53 -8.26
N ILE A 145 11.83 11.68 -8.13
CA ILE A 145 12.43 11.34 -6.86
C ILE A 145 13.96 11.47 -6.97
N ASP A 146 14.59 11.39 -5.78
CA ASP A 146 16.01 11.26 -5.52
C ASP A 146 16.78 12.53 -5.78
N PHE A 147 17.05 13.26 -4.70
CA PHE A 147 17.79 14.49 -4.75
C PHE A 147 19.20 14.32 -4.19
N GLY A 148 19.65 13.07 -4.13
CA GLY A 148 20.96 12.70 -3.60
C GLY A 148 22.14 13.29 -4.33
N LEU A 149 21.99 13.54 -5.65
CA LEU A 149 23.08 14.12 -6.43
C LEU A 149 22.74 15.55 -6.86
N ALA A 150 21.58 16.10 -6.42
CA ALA A 150 21.15 17.41 -6.81
C ALA A 150 22.04 18.50 -6.24
N LYS A 151 22.15 19.61 -6.98
CA LYS A 151 23.02 20.72 -6.60
C LYS A 151 22.34 22.02 -6.96
N LYS A 152 22.59 23.08 -6.17
CA LYS A 152 22.10 24.40 -6.50
C LYS A 152 22.96 24.90 -7.69
N TYR A 153 22.34 25.38 -8.77
CA TYR A 153 23.10 25.87 -9.93
C TYR A 153 23.07 27.40 -9.98
N ARG A 154 22.16 28.04 -9.22
CA ARG A 154 22.10 29.51 -9.25
C ARG A 154 21.66 30.02 -7.90
N ASP A 155 21.97 31.31 -7.61
CA ASP A 155 21.55 31.91 -6.36
C ASP A 155 20.03 32.13 -6.40
N ALA A 156 19.34 31.84 -5.28
CA ALA A 156 17.88 31.99 -5.25
C ALA A 156 17.39 33.41 -5.45
N ARG A 157 18.18 34.38 -5.00
CA ARG A 157 17.79 35.77 -5.11
C ARG A 157 18.33 36.45 -6.35
N THR A 158 19.63 36.34 -6.59
CA THR A 158 20.24 37.09 -7.67
C THR A 158 20.24 36.37 -8.99
N HIS A 159 20.01 35.02 -8.97
CA HIS A 159 20.08 34.17 -10.15
C HIS A 159 21.51 34.09 -10.72
N GLN A 160 22.54 34.45 -9.93
CA GLN A 160 23.92 34.28 -10.37
C GLN A 160 24.17 32.77 -10.56
N HIS A 161 24.59 32.38 -11.77
CA HIS A 161 24.85 30.98 -12.09
C HIS A 161 26.20 30.54 -11.55
N ILE A 162 26.31 29.26 -11.18
CA ILE A 162 27.58 28.68 -10.75
C ILE A 162 28.60 28.80 -11.90
N PRO A 163 29.92 28.86 -11.59
CA PRO A 163 30.89 29.00 -12.69
C PRO A 163 31.13 27.70 -13.47
N TYR A 164 31.66 27.86 -14.69
CA TYR A 164 32.06 26.75 -15.56
C TYR A 164 33.27 26.09 -14.92
N ARG A 165 33.27 24.76 -14.84
CA ARG A 165 34.35 23.98 -14.27
C ARG A 165 34.57 22.75 -15.15
N GLU A 166 35.82 22.27 -15.14
CA GLU A 166 36.27 21.10 -15.86
C GLU A 166 36.79 20.05 -14.86
N ASN A 167 37.14 18.87 -15.37
CA ASN A 167 37.71 17.73 -14.64
C ASN A 167 36.77 17.20 -13.53
N LYS A 168 35.44 17.28 -13.75
CA LYS A 168 34.46 16.76 -12.79
C LYS A 168 34.26 15.27 -12.99
N ASN A 169 33.99 14.54 -11.91
CA ASN A 169 33.76 13.09 -11.97
C ASN A 169 32.36 12.79 -12.43
N LEU A 170 32.16 11.68 -13.18
CA LEU A 170 30.81 11.32 -13.60
C LEU A 170 30.11 10.64 -12.45
N THR A 171 29.24 11.42 -11.85
CA THR A 171 28.29 10.98 -10.85
C THR A 171 27.05 10.87 -11.74
N GLY A 172 26.18 9.95 -11.37
CA GLY A 172 24.97 9.65 -12.08
C GLY A 172 25.11 8.36 -12.86
N THR A 173 24.10 8.08 -13.66
CA THR A 173 24.03 6.84 -14.43
C THR A 173 24.67 7.11 -15.78
N ALA A 174 25.76 6.37 -16.10
CA ALA A 174 26.44 6.62 -17.36
C ALA A 174 25.58 6.48 -18.58
N ARG A 175 24.63 5.52 -18.57
CA ARG A 175 23.77 5.31 -19.73
C ARG A 175 23.08 6.61 -20.20
N TYR A 176 22.65 7.45 -19.24
CA TYR A 176 21.87 8.63 -19.61
C TYR A 176 22.64 9.94 -19.46
N ALA A 177 23.91 9.88 -19.08
CA ALA A 177 24.69 11.11 -18.88
C ALA A 177 24.83 11.94 -20.18
N SER A 178 24.92 13.27 -20.02
CA SER A 178 25.15 14.09 -21.19
C SER A 178 26.58 13.92 -21.68
N ILE A 179 26.85 14.29 -22.93
CA ILE A 179 28.21 14.22 -23.42
C ILE A 179 29.14 15.12 -22.59
N ASN A 180 28.71 16.35 -22.28
CA ASN A 180 29.54 17.23 -21.47
C ASN A 180 29.86 16.62 -20.08
N THR A 181 28.92 15.84 -19.51
CA THR A 181 29.17 15.17 -18.24
C THR A 181 30.30 14.16 -18.41
N HIS A 182 30.23 13.34 -19.50
CA HIS A 182 31.32 12.39 -19.74
C HIS A 182 32.67 13.10 -19.92
N LEU A 183 32.65 14.32 -20.46
CA LEU A 183 33.86 15.11 -20.72
C LEU A 183 34.33 15.89 -19.49
N GLY A 184 33.68 15.67 -18.35
CA GLY A 184 34.11 16.27 -17.09
C GLY A 184 33.68 17.70 -16.87
N ILE A 185 32.73 18.18 -17.69
CA ILE A 185 32.26 19.55 -17.54
C ILE A 185 31.19 19.63 -16.45
N GLU A 186 31.24 20.71 -15.67
CA GLU A 186 30.24 20.98 -14.63
C GLU A 186 28.84 20.86 -15.24
N GLN A 187 27.95 20.17 -14.56
CA GLN A 187 26.57 20.05 -15.07
C GLN A 187 25.76 21.30 -14.83
N SER A 188 24.85 21.56 -15.76
CA SER A 188 23.95 22.68 -15.63
C SER A 188 22.57 22.29 -16.16
N ARG A 189 21.67 23.24 -16.34
CA ARG A 189 20.29 22.91 -16.75
C ARG A 189 20.21 22.11 -18.03
N ARG A 190 21.08 22.44 -18.97
CA ARG A 190 21.09 21.75 -20.26
C ARG A 190 21.29 20.24 -20.11
N ASP A 191 22.12 19.84 -19.14
CA ASP A 191 22.49 18.42 -18.95
C ASP A 191 21.32 17.59 -18.47
N ASP A 192 20.49 18.15 -17.56
CA ASP A 192 19.32 17.41 -17.14
C ASP A 192 18.41 17.16 -18.33
N LEU A 193 18.23 18.18 -19.21
CA LEU A 193 17.37 18.01 -20.34
C LEU A 193 17.95 17.08 -21.41
N GLU A 194 19.29 17.10 -21.63
CA GLU A 194 19.89 16.17 -22.60
C GLU A 194 19.68 14.72 -22.09
N SER A 195 19.89 14.47 -20.78
CA SER A 195 19.65 13.15 -20.20
C SER A 195 18.23 12.69 -20.42
N LEU A 196 17.22 13.63 -20.29
CA LEU A 196 15.85 13.27 -20.56
C LEU A 196 15.67 12.87 -22.03
N GLY A 197 16.37 13.54 -22.94
CA GLY A 197 16.33 13.20 -24.36
C GLY A 197 16.76 11.77 -24.59
N TYR A 198 17.81 11.28 -23.88
CA TYR A 198 18.24 9.91 -24.00
C TYR A 198 17.22 8.95 -23.38
N VAL A 199 16.57 9.32 -22.24
CA VAL A 199 15.54 8.50 -21.65
C VAL A 199 14.39 8.32 -22.65
N LEU A 200 13.98 9.40 -23.35
CA LEU A 200 12.90 9.29 -24.33
C LEU A 200 13.27 8.37 -25.47
N MET A 201 14.51 8.49 -25.99
CA MET A 201 14.91 7.60 -27.07
C MET A 201 15.10 6.15 -26.60
N TYR A 202 15.47 5.94 -25.33
CA TYR A 202 15.57 4.61 -24.71
C TYR A 202 14.16 3.99 -24.68
N PHE A 203 13.12 4.79 -24.32
CA PHE A 203 11.77 4.26 -24.30
C PHE A 203 11.33 3.90 -25.71
N ASN A 204 11.74 4.71 -26.72
CA ASN A 204 11.35 4.46 -28.12
C ASN A 204 11.99 3.21 -28.68
N LEU A 205 13.27 3.03 -28.43
CA LEU A 205 14.08 1.97 -29.03
C LEU A 205 14.06 0.68 -28.28
N GLY A 206 13.93 0.74 -26.97
CA GLY A 206 14.02 -0.43 -26.12
C GLY A 206 15.38 -0.53 -25.46
N SER A 207 16.36 0.15 -26.05
CA SER A 207 17.75 0.19 -25.57
C SER A 207 18.45 1.29 -26.33
N LEU A 208 19.53 1.77 -25.78
CA LEU A 208 20.35 2.77 -26.41
C LEU A 208 21.59 2.08 -27.04
N PRO A 209 22.18 2.65 -28.10
CA PRO A 209 23.28 1.93 -28.81
C PRO A 209 24.56 1.84 -28.03
N TRP A 210 24.65 2.55 -26.89
CA TRP A 210 25.79 2.49 -25.99
C TRP A 210 25.53 1.60 -24.76
N GLN A 211 24.43 0.82 -24.79
CA GLN A 211 24.18 -0.18 -23.77
C GLN A 211 24.93 -1.47 -24.11
N GLY A 212 25.24 -2.24 -23.08
CA GLY A 212 25.87 -3.56 -23.21
C GLY A 212 27.31 -3.54 -23.69
N LEU A 213 28.02 -2.43 -23.50
CA LEU A 213 29.42 -2.34 -23.95
C LEU A 213 30.33 -3.02 -22.94
N LYS A 214 31.16 -3.92 -23.44
CA LYS A 214 32.06 -4.63 -22.55
C LYS A 214 33.34 -3.84 -22.39
N ALA A 215 33.97 -3.98 -21.24
CA ALA A 215 35.23 -3.27 -20.97
C ALA A 215 36.04 -3.97 -19.89
N ALA A 216 37.31 -3.55 -19.70
CA ALA A 216 38.16 -4.17 -18.67
C ALA A 216 37.80 -3.65 -17.24
N THR A 217 37.28 -2.40 -17.16
CA THR A 217 36.97 -1.72 -15.89
C THR A 217 35.75 -0.85 -16.09
N LYS A 218 35.17 -0.40 -14.98
CA LYS A 218 34.01 0.55 -15.07
C LYS A 218 34.49 1.88 -15.69
N ARG A 219 35.69 2.34 -15.29
CA ARG A 219 36.28 3.56 -15.86
C ARG A 219 36.32 3.44 -17.40
N GLN A 220 36.82 2.30 -17.93
CA GLN A 220 36.91 2.08 -19.37
CA GLN A 220 36.91 2.16 -19.36
C GLN A 220 35.55 1.95 -19.99
N LYS A 221 34.60 1.31 -19.27
CA LYS A 221 33.26 1.19 -19.82
C LYS A 221 32.63 2.58 -20.00
N TYR A 222 32.78 3.46 -19.01
CA TYR A 222 32.23 4.83 -19.12
C TYR A 222 32.87 5.58 -20.31
N GLU A 223 34.17 5.35 -20.54
CA GLU A 223 34.86 5.94 -21.71
C GLU A 223 34.28 5.38 -23.01
N ARG A 224 33.98 4.05 -23.07
CA ARG A 224 33.38 3.49 -24.28
C ARG A 224 31.97 4.05 -24.49
N ILE A 225 31.20 4.25 -23.40
CA ILE A 225 29.85 4.83 -23.57
C ILE A 225 30.00 6.27 -24.13
N SER A 226 30.88 7.06 -23.53
CA SER A 226 31.15 8.43 -23.97
C SER A 226 31.51 8.44 -25.45
N GLU A 227 32.45 7.58 -25.88
CA GLU A 227 32.88 7.50 -27.27
C GLU A 227 31.73 7.13 -28.19
N LYS A 228 30.89 6.17 -27.80
CA LYS A 228 29.77 5.79 -28.63
C LYS A 228 28.73 6.91 -28.71
N LYS A 229 28.44 7.63 -27.61
CA LYS A 229 27.47 8.74 -27.68
C LYS A 229 28.01 9.85 -28.59
N MET A 230 29.32 10.19 -28.45
CA MET A 230 29.88 11.27 -29.27
C MET A 230 29.95 10.89 -30.74
N SER A 231 30.14 9.58 -31.03
CA SER A 231 30.28 9.08 -32.39
CA SER A 231 30.29 9.13 -32.41
C SER A 231 29.00 8.70 -33.10
N THR A 232 27.86 8.85 -32.39
CA THR A 232 26.58 8.52 -32.97
C THR A 232 25.85 9.83 -33.21
N PRO A 233 25.79 10.31 -34.46
CA PRO A 233 25.05 11.56 -34.72
C PRO A 233 23.62 11.43 -34.25
N ILE A 234 23.04 12.56 -33.80
CA ILE A 234 21.65 12.58 -33.33
C ILE A 234 20.68 12.06 -34.40
N GLU A 235 20.95 12.40 -35.68
CA GLU A 235 20.10 11.96 -36.76
C GLU A 235 20.21 10.44 -37.01
N VAL A 236 21.34 9.79 -36.61
CA VAL A 236 21.49 8.35 -36.69
C VAL A 236 20.77 7.71 -35.46
N LEU A 237 21.03 8.24 -34.27
CA LEU A 237 20.40 7.71 -33.06
C LEU A 237 18.86 7.69 -33.21
N CYS A 238 18.31 8.78 -33.74
CA CYS A 238 16.86 8.98 -33.85
C CYS A 238 16.26 8.53 -35.16
N LYS A 239 17.05 7.85 -36.00
CA LYS A 239 16.59 7.37 -37.31
C LYS A 239 15.32 6.52 -37.20
N GLY A 240 14.33 6.89 -38.01
CA GLY A 240 13.07 6.16 -38.02
C GLY A 240 12.09 6.54 -36.94
N TYR A 241 12.38 7.63 -36.19
CA TYR A 241 11.46 8.14 -35.18
C TYR A 241 11.14 9.55 -35.56
N PRO A 242 10.01 10.11 -35.07
CA PRO A 242 9.69 11.49 -35.40
C PRO A 242 10.86 12.45 -35.17
N SER A 243 11.07 13.39 -36.11
CA SER A 243 12.14 14.37 -36.08
C SER A 243 12.21 15.17 -34.79
N GLU A 244 11.06 15.29 -34.06
CA GLU A 244 11.02 16.04 -32.81
C GLU A 244 12.02 15.51 -31.76
N PHE A 245 12.30 14.21 -31.75
CA PHE A 245 13.27 13.65 -30.81
C PHE A 245 14.68 14.11 -31.11
N ALA A 246 15.05 14.23 -32.42
CA ALA A 246 16.35 14.77 -32.80
C ALA A 246 16.41 16.27 -32.55
N THR A 247 15.29 17.04 -32.89
CA THR A 247 15.28 18.48 -32.65
C THR A 247 15.48 18.76 -31.16
N TYR A 248 14.81 17.96 -30.31
CA TYR A 248 14.92 18.10 -28.85
C TYR A 248 16.38 17.91 -28.43
N LEU A 249 17.01 16.83 -28.88
CA LEU A 249 18.41 16.58 -28.48
C LEU A 249 19.36 17.62 -29.02
N ASN A 250 19.19 18.05 -30.30
CA ASN A 250 20.05 19.09 -30.86
C ASN A 250 19.96 20.39 -30.09
N PHE A 251 18.71 20.76 -29.68
CA PHE A 251 18.53 21.97 -28.92
C PHE A 251 19.27 21.91 -27.60
N CYS A 252 19.17 20.77 -26.89
CA CYS A 252 19.84 20.63 -25.59
C CYS A 252 21.33 20.69 -25.71
N ARG A 253 21.87 20.05 -26.75
CA ARG A 253 23.31 20.03 -26.98
C ARG A 253 23.86 21.38 -27.46
N SER A 254 22.98 22.29 -27.97
CA SER A 254 23.38 23.62 -28.45
C SER A 254 23.43 24.69 -27.34
N LEU A 255 22.87 24.39 -26.15
CA LEU A 255 22.80 25.35 -25.06
C LEU A 255 24.14 25.68 -24.48
N ARG A 256 24.36 26.98 -24.13
CA ARG A 256 25.56 27.37 -23.42
C ARG A 256 25.38 26.87 -22.00
N PHE A 257 26.49 26.77 -21.32
CA PHE A 257 26.54 26.31 -19.97
C PHE A 257 25.51 27.03 -19.07
N ASP A 258 25.46 28.38 -19.15
CA ASP A 258 24.55 29.08 -18.26
C ASP A 258 23.22 29.51 -18.89
N ASP A 259 22.93 29.07 -20.12
CA ASP A 259 21.69 29.41 -20.80
C ASP A 259 20.46 28.90 -20.05
N LYS A 260 19.38 29.69 -20.09
CA LYS A 260 18.10 29.24 -19.59
C LYS A 260 17.43 28.45 -20.73
N PRO A 261 17.12 27.15 -20.53
CA PRO A 261 16.45 26.40 -21.60
C PRO A 261 15.07 26.95 -21.94
N ASP A 262 14.64 26.80 -23.20
CA ASP A 262 13.30 27.20 -23.61
C ASP A 262 12.41 25.95 -23.46
N TYR A 263 11.98 25.72 -22.21
CA TYR A 263 11.15 24.56 -21.87
C TYR A 263 9.85 24.49 -22.69
N SER A 264 9.22 25.65 -22.96
CA SER A 264 7.97 25.66 -23.72
C SER A 264 8.17 25.30 -25.17
N TYR A 265 9.30 25.71 -25.75
CA TYR A 265 9.66 25.31 -27.11
C TYR A 265 9.78 23.78 -27.16
N LEU A 266 10.48 23.20 -26.15
CA LEU A 266 10.63 21.75 -26.14
C LEU A 266 9.34 20.99 -25.91
N ARG A 267 8.47 21.47 -25.00
CA ARG A 267 7.18 20.82 -24.81
C ARG A 267 6.33 20.94 -26.09
N GLN A 268 6.40 22.10 -26.79
CA GLN A 268 5.60 22.28 -28.00
C GLN A 268 5.95 21.30 -29.09
N LEU A 269 7.26 20.91 -29.20
CA LEU A 269 7.63 19.94 -30.23
C LEU A 269 6.75 18.69 -30.06
N PHE A 270 6.68 18.16 -28.82
CA PHE A 270 5.95 16.93 -28.58
C PHE A 270 4.42 17.10 -28.53
N ARG A 271 3.93 18.25 -28.03
CA ARG A 271 2.49 18.57 -28.02
C ARG A 271 1.95 18.67 -29.46
N ASN A 272 2.71 19.34 -30.37
CA ASN A 272 2.30 19.40 -31.76
C ASN A 272 2.27 18.02 -32.40
N LEU A 273 3.32 17.19 -32.12
CA LEU A 273 3.37 15.85 -32.65
C LEU A 273 2.22 14.98 -32.18
N PHE A 274 1.87 15.09 -30.90
CA PHE A 274 0.75 14.32 -30.35
C PHE A 274 -0.55 14.66 -31.10
N HIS A 275 -0.77 15.96 -31.36
CA HIS A 275 -1.95 16.42 -32.10
C HIS A 275 -1.92 15.90 -33.54
N ARG A 276 -0.77 16.04 -34.24
CA ARG A 276 -0.66 15.59 -35.64
C ARG A 276 -0.90 14.10 -35.80
N GLN A 277 -0.49 13.31 -34.79
CA GLN A 277 -0.67 11.86 -34.77
C GLN A 277 -2.11 11.44 -34.49
N GLY A 278 -2.97 12.39 -34.10
CA GLY A 278 -4.38 12.14 -33.83
C GLY A 278 -4.62 11.40 -32.53
N PHE A 279 -3.68 11.52 -31.56
CA PHE A 279 -3.87 10.87 -30.28
C PHE A 279 -4.85 11.68 -29.44
N SER A 280 -5.49 11.00 -28.49
CA SER A 280 -6.46 11.65 -27.59
C SER A 280 -5.91 11.71 -26.18
N TYR A 281 -6.23 12.81 -25.45
CA TYR A 281 -5.77 12.97 -24.08
C TYR A 281 -6.68 12.21 -23.15
N ASP A 282 -6.77 10.88 -23.35
CA ASP A 282 -7.55 10.04 -22.44
C ASP A 282 -6.66 9.53 -21.30
N TYR A 283 -5.35 9.85 -21.36
CA TYR A 283 -4.36 9.41 -20.38
C TYR A 283 -4.36 7.91 -20.24
N VAL A 284 -4.60 7.18 -21.33
CA VAL A 284 -4.51 5.75 -21.26
C VAL A 284 -3.08 5.38 -21.69
N PHE A 285 -2.21 5.11 -20.70
CA PHE A 285 -0.83 4.69 -20.95
C PHE A 285 -0.77 3.22 -21.33
N ASP A 286 0.37 2.75 -21.86
CA ASP A 286 0.46 1.33 -22.25
C ASP A 286 0.14 0.38 -21.12
N TRP A 287 0.61 0.68 -19.91
CA TRP A 287 0.36 -0.19 -18.77
C TRP A 287 -1.11 -0.24 -18.32
N ASN A 288 -1.93 0.76 -18.70
CA ASN A 288 -3.36 0.75 -18.37
C ASN A 288 -4.12 -0.28 -19.19
N MET A 289 -3.47 -0.84 -20.24
CA MET A 289 -4.07 -1.86 -21.10
C MET A 289 -3.70 -3.30 -20.68
N LEU A 290 -2.80 -3.47 -19.67
CA LEU A 290 -2.35 -4.79 -19.19
C LEU A 290 -3.51 -5.61 -18.59
N LYS A 291 -3.54 -6.93 -18.88
CA LYS A 291 -4.60 -7.83 -18.44
C LYS A 291 -4.15 -8.92 -17.46
N VAL B 2 -0.83 -11.93 -10.56
CA VAL B 2 -1.38 -12.87 -11.54
C VAL B 2 -1.57 -12.20 -12.92
N GLY B 3 -1.29 -12.96 -13.97
CA GLY B 3 -1.40 -12.54 -15.36
C GLY B 3 -0.26 -11.61 -15.70
N ASN B 4 -0.56 -10.43 -16.23
CA ASN B 4 0.43 -9.41 -16.51
C ASN B 4 0.06 -8.13 -15.74
N ARG B 5 -1.14 -8.13 -15.11
CA ARG B 5 -1.74 -7.00 -14.41
C ARG B 5 -1.42 -6.89 -12.93
N TYR B 6 -1.45 -8.01 -12.18
CA TYR B 6 -1.23 -7.95 -10.72
C TYR B 6 0.13 -8.43 -10.31
N ARG B 7 0.85 -7.61 -9.56
CA ARG B 7 2.16 -7.97 -9.03
C ARG B 7 1.91 -8.36 -7.58
N LEU B 8 2.34 -9.56 -7.21
CA LEU B 8 2.17 -10.08 -5.85
C LEU B 8 3.31 -9.57 -5.01
N GLY B 9 2.97 -9.08 -3.84
CA GLY B 9 3.93 -8.59 -2.87
C GLY B 9 4.03 -9.57 -1.72
N ARG B 10 4.17 -9.03 -0.51
CA ARG B 10 4.32 -9.77 0.73
C ARG B 10 3.06 -10.56 1.10
N LYS B 11 3.25 -11.82 1.55
CA LYS B 11 2.17 -12.65 2.04
C LYS B 11 1.79 -12.09 3.42
N ILE B 12 0.53 -11.71 3.58
CA ILE B 12 0.03 -11.13 4.83
C ILE B 12 -0.84 -12.18 5.58
N GLY B 13 -0.34 -13.42 5.59
CA GLY B 13 -0.99 -14.54 6.26
C GLY B 13 -1.99 -15.30 5.41
N SER B 14 -3.06 -15.78 6.06
CA SER B 14 -4.11 -16.58 5.43
C SER B 14 -5.45 -16.49 6.16
N GLY B 15 -6.53 -16.58 5.39
CA GLY B 15 -7.89 -16.62 5.91
C GLY B 15 -8.41 -18.04 5.84
N SER B 16 -9.73 -18.21 5.69
CA SER B 16 -10.31 -19.54 5.53
C SER B 16 -10.13 -20.00 4.07
N PHE B 17 -9.19 -20.96 3.86
CA PHE B 17 -8.84 -21.61 2.59
C PHE B 17 -8.15 -20.71 1.52
N GLY B 18 -6.83 -20.59 1.66
CA GLY B 18 -5.93 -19.90 0.74
C GLY B 18 -5.04 -18.84 1.36
N ASP B 19 -3.99 -18.42 0.64
CA ASP B 19 -3.04 -17.39 1.08
C ASP B 19 -3.47 -16.00 0.62
N ILE B 20 -3.15 -14.98 1.44
CA ILE B 20 -3.49 -13.58 1.13
C ILE B 20 -2.20 -12.79 0.98
N TYR B 21 -2.12 -11.98 -0.08
CA TYR B 21 -0.93 -11.18 -0.35
C TYR B 21 -1.29 -9.72 -0.55
N LEU B 22 -0.32 -8.83 -0.28
CA LEU B 22 -0.50 -7.43 -0.66
C LEU B 22 -0.09 -7.46 -2.11
N GLY B 23 -0.65 -6.58 -2.93
CA GLY B 23 -0.29 -6.59 -4.34
C GLY B 23 -0.54 -5.25 -5.00
N THR B 24 -0.19 -5.18 -6.27
CA THR B 24 -0.43 -3.96 -7.01
C THR B 24 -1.14 -4.30 -8.27
N ASP B 25 -2.24 -3.60 -8.50
CA ASP B 25 -2.96 -3.66 -9.76
C ASP B 25 -2.26 -2.61 -10.63
N ILE B 26 -1.33 -3.06 -11.50
CA ILE B 26 -0.52 -2.17 -12.36
C ILE B 26 -1.39 -1.38 -13.33
N ALA B 27 -2.41 -2.05 -13.90
CA ALA B 27 -3.30 -1.41 -14.87
C ALA B 27 -4.16 -0.31 -14.29
N ALA B 28 -4.70 -0.54 -13.07
CA ALA B 28 -5.55 0.44 -12.41
C ALA B 28 -4.74 1.42 -11.55
N GLY B 29 -3.47 1.09 -11.29
CA GLY B 29 -2.58 1.90 -10.45
C GLY B 29 -3.08 1.94 -9.03
N GLU B 30 -3.34 0.76 -8.44
CA GLU B 30 -3.87 0.70 -7.07
C GLU B 30 -3.19 -0.39 -6.31
N GLU B 31 -2.89 -0.13 -5.04
CA GLU B 31 -2.37 -1.18 -4.16
C GLU B 31 -3.64 -1.92 -3.70
N VAL B 32 -3.61 -3.25 -3.71
CA VAL B 32 -4.77 -4.09 -3.39
C VAL B 32 -4.31 -5.24 -2.51
N ALA B 33 -5.27 -6.12 -2.15
CA ALA B 33 -4.92 -7.37 -1.48
C ALA B 33 -5.51 -8.50 -2.33
N ILE B 34 -4.80 -9.61 -2.41
CA ILE B 34 -5.18 -10.71 -3.31
C ILE B 34 -5.21 -12.03 -2.57
N LYS B 35 -6.33 -12.76 -2.68
CA LYS B 35 -6.45 -14.09 -2.07
C LYS B 35 -6.36 -15.14 -3.19
N LEU B 36 -5.55 -16.16 -2.98
CA LEU B 36 -5.35 -17.24 -3.95
C LEU B 36 -5.83 -18.58 -3.43
N GLU B 37 -6.66 -19.27 -4.23
CA GLU B 37 -7.18 -20.62 -3.95
C GLU B 37 -6.70 -21.49 -5.10
N CYS B 38 -6.12 -22.66 -4.80
CA CYS B 38 -5.70 -23.61 -5.85
C CYS B 38 -6.93 -24.01 -6.66
N VAL B 39 -6.88 -23.80 -7.99
CA VAL B 39 -8.03 -24.02 -8.87
C VAL B 39 -8.57 -25.45 -8.80
N LYS B 40 -7.67 -26.42 -8.58
CA LYS B 40 -7.98 -27.84 -8.50
C LYS B 40 -8.22 -28.36 -7.08
N THR B 41 -8.47 -27.44 -6.12
CA THR B 41 -8.75 -27.79 -4.74
C THR B 41 -10.00 -28.70 -4.67
N LYS B 42 -10.01 -29.67 -3.74
CA LYS B 42 -11.11 -30.60 -3.54
C LYS B 42 -12.42 -29.90 -3.20
N HIS B 43 -12.36 -28.83 -2.38
CA HIS B 43 -13.54 -28.09 -1.95
C HIS B 43 -13.46 -26.61 -2.36
N PRO B 44 -13.75 -26.27 -3.64
CA PRO B 44 -13.66 -24.85 -4.05
C PRO B 44 -14.71 -23.99 -3.35
N GLN B 45 -14.29 -22.81 -2.86
CA GLN B 45 -15.21 -21.91 -2.16
C GLN B 45 -14.95 -20.43 -2.39
N LEU B 46 -13.83 -20.07 -3.04
CA LEU B 46 -13.50 -18.66 -3.22
C LEU B 46 -14.55 -17.94 -4.03
N HIS B 47 -15.13 -18.58 -5.08
CA HIS B 47 -16.21 -17.94 -5.84
C HIS B 47 -17.50 -17.82 -5.02
N ILE B 48 -17.79 -18.80 -4.15
CA ILE B 48 -18.94 -18.82 -3.20
C ILE B 48 -18.76 -17.63 -2.21
N GLU B 49 -17.56 -17.50 -1.69
CA GLU B 49 -17.20 -16.43 -0.76
C GLU B 49 -17.31 -15.07 -1.42
N SER B 50 -16.80 -14.93 -2.69
CA SER B 50 -16.94 -13.66 -3.41
C SER B 50 -18.38 -13.30 -3.63
N LYS B 51 -19.28 -14.30 -3.88
CA LYS B 51 -20.70 -13.97 -4.04
C LYS B 51 -21.35 -13.55 -2.72
N ILE B 52 -20.85 -14.04 -1.55
CA ILE B 52 -21.34 -13.58 -0.23
C ILE B 52 -20.94 -12.11 -0.06
N TYR B 53 -19.65 -11.75 -0.32
CA TYR B 53 -19.22 -10.36 -0.24
C TYR B 53 -20.06 -9.46 -1.18
N LYS B 54 -20.34 -9.93 -2.43
CA LYS B 54 -21.12 -9.15 -3.39
C LYS B 54 -22.56 -8.94 -2.93
N MET B 55 -23.17 -9.96 -2.36
CA MET B 55 -24.53 -9.88 -1.82
C MET B 55 -24.58 -8.87 -0.64
N MET B 56 -23.50 -8.82 0.16
CA MET B 56 -23.36 -7.92 1.32
C MET B 56 -22.94 -6.50 0.92
N GLN B 57 -22.57 -6.26 -0.36
CA GLN B 57 -22.06 -4.97 -0.86
C GLN B 57 -22.95 -3.80 -0.52
N GLY B 58 -22.32 -2.70 -0.13
CA GLY B 58 -23.04 -1.49 0.22
C GLY B 58 -23.30 -1.37 1.70
N GLY B 59 -23.19 -2.50 2.43
CA GLY B 59 -23.31 -2.52 3.88
C GLY B 59 -22.12 -1.81 4.47
N VAL B 60 -22.33 -1.07 5.55
CA VAL B 60 -21.26 -0.34 6.23
C VAL B 60 -20.18 -1.35 6.65
N GLY B 61 -18.92 -1.04 6.32
CA GLY B 61 -17.81 -1.91 6.71
C GLY B 61 -17.73 -3.26 6.00
N ILE B 62 -18.31 -3.38 4.81
CA ILE B 62 -18.20 -4.58 4.00
C ILE B 62 -17.19 -4.29 2.92
N PRO B 63 -16.08 -5.05 2.84
CA PRO B 63 -15.05 -4.75 1.82
C PRO B 63 -15.56 -4.96 0.42
N THR B 64 -15.04 -4.16 -0.51
CA THR B 64 -15.32 -4.24 -1.95
C THR B 64 -14.40 -5.30 -2.58
N ILE B 65 -14.97 -6.17 -3.42
CA ILE B 65 -14.24 -7.16 -4.19
C ILE B 65 -14.10 -6.55 -5.57
N ARG B 66 -12.86 -6.36 -6.00
CA ARG B 66 -12.50 -5.72 -7.26
C ARG B 66 -12.62 -6.69 -8.41
N TRP B 67 -12.16 -7.91 -8.19
CA TRP B 67 -12.19 -8.94 -9.22
C TRP B 67 -12.15 -10.31 -8.59
N CYS B 68 -12.89 -11.25 -9.19
CA CYS B 68 -12.84 -12.65 -8.80
C CYS B 68 -12.94 -13.47 -10.08
N GLY B 69 -11.86 -14.19 -10.37
CA GLY B 69 -11.76 -15.01 -11.57
C GLY B 69 -10.71 -16.09 -11.43
N ALA B 70 -10.17 -16.56 -12.55
CA ALA B 70 -9.15 -17.60 -12.55
C ALA B 70 -7.95 -17.17 -13.37
N GLU B 71 -6.74 -17.49 -12.87
CA GLU B 71 -5.46 -17.17 -13.52
C GLU B 71 -4.46 -18.26 -13.18
N GLY B 72 -3.96 -18.92 -14.22
CA GLY B 72 -3.00 -20.01 -14.07
C GLY B 72 -3.58 -21.14 -13.23
N ASP B 73 -2.84 -21.52 -12.18
CA ASP B 73 -3.23 -22.58 -11.24
C ASP B 73 -4.11 -22.07 -10.06
N TYR B 74 -4.61 -20.82 -10.13
CA TYR B 74 -5.36 -20.27 -9.02
C TYR B 74 -6.66 -19.61 -9.36
N ASN B 75 -7.59 -19.61 -8.39
CA ASN B 75 -8.79 -18.82 -8.41
C ASN B 75 -8.31 -17.60 -7.62
N VAL B 76 -8.65 -16.42 -8.10
CA VAL B 76 -8.14 -15.19 -7.55
C VAL B 76 -9.28 -14.30 -7.10
N MET B 77 -9.14 -13.67 -5.91
CA MET B 77 -10.09 -12.68 -5.46
C MET B 77 -9.25 -11.49 -5.02
N VAL B 78 -9.54 -10.36 -5.63
CA VAL B 78 -8.85 -9.10 -5.35
C VAL B 78 -9.77 -8.27 -4.50
N MET B 79 -9.26 -7.80 -3.35
CA MET B 79 -10.06 -6.98 -2.46
C MET B 79 -9.39 -5.60 -2.41
N GLU B 80 -10.19 -4.57 -2.10
CA GLU B 80 -9.65 -3.24 -1.85
C GLU B 80 -8.64 -3.37 -0.67
N LEU B 81 -7.62 -2.50 -0.66
CA LEU B 81 -6.64 -2.53 0.40
C LEU B 81 -7.25 -1.93 1.70
N LEU B 82 -7.14 -2.69 2.78
CA LEU B 82 -7.61 -2.30 4.10
C LEU B 82 -6.41 -2.21 5.04
N GLY B 83 -6.68 -1.74 6.25
CA GLY B 83 -5.66 -1.55 7.27
C GLY B 83 -5.41 -2.79 8.10
N PRO B 84 -4.67 -2.63 9.21
CA PRO B 84 -4.37 -3.77 10.08
C PRO B 84 -5.61 -4.36 10.74
N SER B 85 -5.49 -5.63 11.16
CA SER B 85 -6.61 -6.22 11.90
C SER B 85 -6.59 -5.72 13.34
N LEU B 86 -7.67 -5.98 14.09
CA LEU B 86 -7.71 -5.58 15.50
C LEU B 86 -6.69 -6.35 16.32
N GLU B 87 -6.34 -7.58 15.93
CA GLU B 87 -5.30 -8.34 16.62
C GLU B 87 -3.95 -7.66 16.36
N ASP B 88 -3.68 -7.25 15.12
CA ASP B 88 -2.45 -6.51 14.79
C ASP B 88 -2.36 -5.24 15.61
N LEU B 89 -3.45 -4.47 15.66
CA LEU B 89 -3.47 -3.23 16.41
C LEU B 89 -3.34 -3.45 17.89
N PHE B 90 -3.90 -4.54 18.41
CA PHE B 90 -3.73 -4.90 19.83
C PHE B 90 -2.24 -5.13 20.12
N ASN B 91 -1.54 -5.84 19.23
CA ASN B 91 -0.10 -6.06 19.35
C ASN B 91 0.69 -4.75 19.30
N PHE B 92 0.32 -3.85 18.36
CA PHE B 92 0.98 -2.54 18.22
C PHE B 92 0.76 -1.66 19.44
N CYS B 93 -0.34 -1.92 20.19
CA CYS B 93 -0.72 -1.20 21.42
C CYS B 93 -0.29 -1.93 22.66
N SER B 94 0.72 -2.83 22.56
CA SER B 94 1.29 -3.60 23.66
C SER B 94 0.26 -4.49 24.40
N ARG B 95 -0.74 -5.02 23.63
CA ARG B 95 -1.75 -5.96 24.08
C ARG B 95 -2.56 -5.41 25.27
N LYS B 96 -2.84 -4.10 25.19
CA LYS B 96 -3.64 -3.34 26.14
C LYS B 96 -4.43 -2.30 25.36
N PHE B 97 -5.78 -2.32 25.50
CA PHE B 97 -6.64 -1.27 24.96
C PHE B 97 -7.32 -0.55 26.11
N SER B 98 -7.45 0.78 25.95
CA SER B 98 -8.19 1.63 26.88
C SER B 98 -9.68 1.27 26.80
N LEU B 99 -10.43 1.52 27.88
CA LEU B 99 -11.85 1.24 27.87
C LEU B 99 -12.54 2.00 26.72
N LYS B 100 -12.12 3.27 26.44
CA LYS B 100 -12.70 4.04 25.37
C LYS B 100 -12.53 3.33 24.02
N THR B 101 -11.33 2.81 23.72
CA THR B 101 -11.11 2.10 22.44
C THR B 101 -11.97 0.83 22.40
N VAL B 102 -12.05 0.09 23.54
CA VAL B 102 -12.91 -1.11 23.55
C VAL B 102 -14.36 -0.77 23.25
N LEU B 103 -14.88 0.32 23.81
CA LEU B 103 -16.26 0.69 23.60
C LEU B 103 -16.54 1.20 22.18
N LEU B 104 -15.58 1.93 21.61
CA LEU B 104 -15.72 2.40 20.24
C LEU B 104 -15.76 1.18 19.29
N LEU B 105 -14.88 0.20 19.54
CA LEU B 105 -14.87 -1.00 18.69
C LEU B 105 -16.15 -1.81 18.90
N ALA B 106 -16.58 -1.98 20.15
CA ALA B 106 -17.79 -2.75 20.44
C ALA B 106 -19.01 -2.25 19.65
N ASP B 107 -19.18 -0.93 19.56
CA ASP B 107 -20.35 -0.41 18.88
C ASP B 107 -20.37 -0.83 17.42
N GLN B 108 -19.24 -0.70 16.75
CA GLN B 108 -19.16 -1.05 15.33
C GLN B 108 -19.22 -2.54 15.11
N MET B 109 -18.59 -3.33 16.00
CA MET B 109 -18.60 -4.78 15.85
C MET B 109 -19.98 -5.38 15.96
N ILE B 110 -20.79 -4.87 16.90
CA ILE B 110 -22.18 -5.32 17.02
C ILE B 110 -22.96 -5.01 15.73
N SER B 111 -22.76 -3.78 15.18
CA SER B 111 -23.42 -3.38 13.95
C SER B 111 -23.03 -4.24 12.74
N ARG B 112 -21.72 -4.62 12.62
CA ARG B 112 -21.30 -5.44 11.48
C ARG B 112 -21.97 -6.79 11.55
N ILE B 113 -22.04 -7.38 12.75
CA ILE B 113 -22.68 -8.68 12.93
C ILE B 113 -24.18 -8.60 12.63
N GLU B 114 -24.84 -7.55 13.11
CA GLU B 114 -26.26 -7.34 12.85
C GLU B 114 -26.52 -7.27 11.35
N TYR B 115 -25.65 -6.55 10.63
CA TYR B 115 -25.83 -6.45 9.19
C TYR B 115 -25.76 -7.81 8.50
N ILE B 116 -24.72 -8.61 8.82
CA ILE B 116 -24.58 -9.95 8.26
C ILE B 116 -25.85 -10.76 8.54
N HIS B 117 -26.36 -10.69 9.80
CA HIS B 117 -27.58 -11.40 10.17
C HIS B 117 -28.79 -10.91 9.35
N SER B 118 -28.85 -9.59 9.08
CA SER B 118 -29.97 -9.03 8.30
C SER B 118 -29.96 -9.57 6.86
N LYS B 119 -28.78 -10.02 6.39
CA LYS B 119 -28.58 -10.60 5.07
C LYS B 119 -28.66 -12.12 5.07
N ASN B 120 -29.22 -12.68 6.17
CA ASN B 120 -29.57 -14.10 6.36
C ASN B 120 -28.42 -15.01 6.66
N PHE B 121 -27.24 -14.47 6.97
CA PHE B 121 -26.10 -15.31 7.28
C PHE B 121 -25.62 -15.12 8.72
N ILE B 122 -24.92 -16.14 9.21
CA ILE B 122 -24.17 -16.07 10.45
C ILE B 122 -22.69 -16.20 10.02
N HIS B 123 -21.82 -15.52 10.74
CA HIS B 123 -20.40 -15.45 10.38
C HIS B 123 -19.62 -16.66 10.81
N ARG B 124 -19.77 -17.05 12.09
CA ARG B 124 -19.19 -18.28 12.65
C ARG B 124 -17.71 -18.24 12.88
N ASP B 125 -17.05 -17.06 12.72
CA ASP B 125 -15.66 -17.00 13.11
C ASP B 125 -15.31 -15.59 13.58
N VAL B 126 -16.07 -15.10 14.57
CA VAL B 126 -15.87 -13.77 15.12
C VAL B 126 -14.63 -13.81 16.00
N LYS B 127 -13.60 -13.09 15.59
CA LYS B 127 -12.33 -13.04 16.27
C LYS B 127 -11.66 -11.71 15.90
N PRO B 128 -10.71 -11.21 16.71
CA PRO B 128 -10.04 -9.93 16.38
C PRO B 128 -9.42 -9.87 15.00
N ASP B 129 -8.90 -11.00 14.51
CA ASP B 129 -8.24 -11.03 13.21
C ASP B 129 -9.23 -10.82 12.05
N ASN B 130 -10.54 -10.99 12.29
CA ASN B 130 -11.53 -10.87 11.25
C ASN B 130 -12.22 -9.51 11.24
N PHE B 131 -11.62 -8.51 11.95
CA PHE B 131 -12.07 -7.13 11.89
C PHE B 131 -10.85 -6.31 11.52
N LEU B 132 -10.98 -5.49 10.47
CA LEU B 132 -9.86 -4.67 9.98
C LEU B 132 -10.28 -3.25 9.99
N MET B 133 -9.34 -2.35 10.31
CA MET B 133 -9.70 -0.94 10.17
C MET B 133 -9.45 -0.53 8.72
N GLY B 134 -10.16 0.48 8.27
CA GLY B 134 -9.88 1.00 6.94
C GLY B 134 -8.64 1.89 6.95
N LEU B 135 -8.23 2.32 5.76
CA LEU B 135 -7.10 3.24 5.63
C LEU B 135 -7.63 4.59 5.19
N GLY B 136 -6.81 5.64 5.38
CA GLY B 136 -7.13 7.00 4.94
C GLY B 136 -8.43 7.54 5.52
N LYS B 137 -9.34 8.01 4.64
CA LYS B 137 -10.63 8.55 5.04
C LYS B 137 -11.52 7.50 5.73
N LYS B 138 -11.20 6.22 5.57
CA LYS B 138 -11.97 5.13 6.17
C LYS B 138 -11.25 4.58 7.43
N GLY B 139 -10.30 5.34 7.96
CA GLY B 139 -9.51 4.96 9.12
C GLY B 139 -10.26 4.82 10.42
N ASN B 140 -11.50 5.31 10.48
CA ASN B 140 -12.33 5.19 11.71
C ASN B 140 -13.35 4.08 11.58
N LEU B 141 -13.37 3.40 10.42
CA LEU B 141 -14.34 2.37 10.12
C LEU B 141 -13.80 0.97 10.34
N VAL B 142 -14.58 0.17 11.09
CA VAL B 142 -14.24 -1.23 11.31
C VAL B 142 -14.92 -2.03 10.23
N TYR B 143 -14.13 -2.79 9.48
CA TYR B 143 -14.64 -3.72 8.47
C TYR B 143 -14.67 -5.13 9.04
N ILE B 144 -15.55 -5.97 8.51
CA ILE B 144 -15.55 -7.39 8.84
C ILE B 144 -15.11 -8.15 7.60
N ILE B 145 -14.28 -9.17 7.78
CA ILE B 145 -13.81 -10.01 6.70
C ILE B 145 -14.05 -11.48 7.01
N ASP B 146 -13.86 -12.29 5.95
CA ASP B 146 -13.79 -13.73 5.93
C ASP B 146 -15.14 -14.40 6.09
N PHE B 147 -15.72 -14.81 4.96
CA PHE B 147 -17.01 -15.48 4.91
C PHE B 147 -16.84 -16.94 4.58
N GLY B 148 -15.62 -17.45 4.78
CA GLY B 148 -15.29 -18.86 4.52
C GLY B 148 -16.04 -19.88 5.37
N LEU B 149 -16.44 -19.50 6.59
CA LEU B 149 -17.18 -20.38 7.48
C LEU B 149 -18.63 -19.93 7.62
N ALA B 150 -19.03 -18.86 6.93
CA ALA B 150 -20.36 -18.31 7.01
C ALA B 150 -21.40 -19.27 6.44
N LYS B 151 -22.59 -19.21 7.00
CA LYS B 151 -23.69 -20.10 6.62
C LYS B 151 -24.99 -19.32 6.64
N LYS B 152 -25.92 -19.68 5.76
CA LYS B 152 -27.25 -19.08 5.79
C LYS B 152 -27.97 -19.72 7.04
N TYR B 153 -28.57 -18.91 7.91
CA TYR B 153 -29.26 -19.44 9.09
C TYR B 153 -30.78 -19.40 8.89
N ARG B 154 -31.24 -18.71 7.84
CA ARG B 154 -32.68 -18.61 7.55
C ARG B 154 -32.90 -18.48 6.04
N ASP B 155 -34.06 -18.93 5.57
CA ASP B 155 -34.47 -18.82 4.17
C ASP B 155 -34.72 -17.32 3.91
N ALA B 156 -34.06 -16.73 2.88
CA ALA B 156 -34.16 -15.31 2.55
C ALA B 156 -35.62 -14.85 2.31
N ARG B 157 -36.45 -15.76 1.74
CA ARG B 157 -37.86 -15.53 1.42
C ARG B 157 -38.83 -15.70 2.59
N THR B 158 -38.83 -16.87 3.27
CA THR B 158 -39.77 -17.18 4.37
C THR B 158 -39.26 -16.81 5.77
N HIS B 159 -37.91 -16.73 5.92
CA HIS B 159 -37.21 -16.46 7.18
C HIS B 159 -37.32 -17.65 8.13
N GLN B 160 -37.63 -18.83 7.56
CA GLN B 160 -37.67 -20.07 8.32
C GLN B 160 -36.21 -20.36 8.74
N HIS B 161 -36.01 -20.50 10.06
CA HIS B 161 -34.72 -20.73 10.66
C HIS B 161 -34.26 -22.15 10.44
N ILE B 162 -32.94 -22.34 10.30
CA ILE B 162 -32.37 -23.68 10.19
C ILE B 162 -32.72 -24.49 11.46
N PRO B 163 -32.78 -25.84 11.38
CA PRO B 163 -33.16 -26.60 12.56
C PRO B 163 -32.02 -26.75 13.58
N TYR B 164 -32.41 -27.06 14.82
CA TYR B 164 -31.44 -27.32 15.88
C TYR B 164 -30.74 -28.63 15.57
N ARG B 165 -29.41 -28.65 15.71
CA ARG B 165 -28.58 -29.83 15.46
C ARG B 165 -27.54 -29.92 16.53
N GLU B 166 -27.10 -31.17 16.82
CA GLU B 166 -26.14 -31.53 17.82
C GLU B 166 -24.97 -32.26 17.16
N ASN B 167 -23.92 -32.52 17.96
CA ASN B 167 -22.70 -33.25 17.57
C ASN B 167 -21.95 -32.57 16.39
N LYS B 168 -22.00 -31.22 16.32
CA LYS B 168 -21.31 -30.45 15.27
C LYS B 168 -19.85 -30.27 15.67
N ASN B 169 -18.96 -30.27 14.67
CA ASN B 169 -17.52 -30.05 14.89
C ASN B 169 -17.27 -28.60 15.09
N LEU B 170 -16.28 -28.29 15.94
CA LEU B 170 -15.95 -26.90 16.17
C LEU B 170 -15.13 -26.45 14.98
N THR B 171 -15.74 -25.61 14.19
CA THR B 171 -15.11 -24.87 13.13
C THR B 171 -15.07 -23.49 13.81
N GLY B 172 -14.10 -22.67 13.44
CA GLY B 172 -13.87 -21.37 14.05
C GLY B 172 -12.67 -21.47 14.97
N THR B 173 -12.46 -20.43 15.77
CA THR B 173 -11.33 -20.32 16.68
C THR B 173 -11.83 -20.70 18.05
N ALA B 174 -11.25 -21.74 18.65
CA ALA B 174 -11.70 -22.21 19.93
C ALA B 174 -11.65 -21.14 21.02
N ARG B 175 -10.64 -20.27 20.99
CA ARG B 175 -10.54 -19.25 22.01
C ARG B 175 -11.82 -18.42 22.18
N TYR B 176 -12.49 -18.09 21.06
CA TYR B 176 -13.64 -17.19 21.07
C TYR B 176 -14.95 -17.91 20.85
N ALA B 177 -14.94 -19.24 20.71
CA ALA B 177 -16.17 -19.97 20.46
C ALA B 177 -17.18 -19.86 21.59
N SER B 178 -18.48 -19.88 21.25
CA SER B 178 -19.49 -19.88 22.29
C SER B 178 -19.48 -21.22 23.04
N ILE B 179 -20.07 -21.23 24.24
CA ILE B 179 -20.16 -22.50 24.97
C ILE B 179 -20.96 -23.52 24.17
N ASN B 180 -22.09 -23.09 23.57
CA ASN B 180 -22.89 -24.04 22.78
C ASN B 180 -22.08 -24.60 21.62
N THR B 181 -21.20 -23.80 21.00
CA THR B 181 -20.34 -24.31 19.93
C THR B 181 -19.42 -25.41 20.46
N HIS B 182 -18.80 -25.19 21.63
CA HIS B 182 -17.95 -26.26 22.21
C HIS B 182 -18.77 -27.52 22.48
N LEU B 183 -20.05 -27.36 22.83
CA LEU B 183 -20.96 -28.49 23.14
C LEU B 183 -21.56 -29.12 21.90
N GLY B 184 -21.12 -28.70 20.72
CA GLY B 184 -21.51 -29.31 19.46
C GLY B 184 -22.85 -28.86 18.92
N ILE B 185 -23.42 -27.79 19.45
CA ILE B 185 -24.69 -27.28 18.98
C ILE B 185 -24.50 -26.44 17.73
N GLU B 186 -25.44 -26.59 16.78
CA GLU B 186 -25.50 -25.78 15.57
C GLU B 186 -25.42 -24.29 15.96
N GLN B 187 -24.59 -23.53 15.26
CA GLN B 187 -24.47 -22.11 15.55
C GLN B 187 -25.63 -21.31 15.00
N SER B 188 -25.95 -20.24 15.68
CA SER B 188 -27.00 -19.34 15.24
C SER B 188 -26.60 -17.90 15.58
N ARG B 189 -27.53 -16.94 15.45
CA ARG B 189 -27.17 -15.54 15.67
C ARG B 189 -26.55 -15.24 17.03
N ARG B 190 -27.06 -15.91 18.05
CA ARG B 190 -26.58 -15.70 19.42
C ARG B 190 -25.08 -16.01 19.55
N ASP B 191 -24.60 -17.01 18.81
CA ASP B 191 -23.20 -17.46 18.93
C ASP B 191 -22.25 -16.43 18.41
N ASP B 192 -22.58 -15.74 17.29
CA ASP B 192 -21.71 -14.68 16.79
C ASP B 192 -21.57 -13.61 17.87
N LEU B 193 -22.68 -13.25 18.51
CA LEU B 193 -22.64 -12.20 19.53
C LEU B 193 -21.92 -12.65 20.81
N GLU B 194 -22.07 -13.92 21.23
CA GLU B 194 -21.37 -14.39 22.42
C GLU B 194 -19.85 -14.34 22.15
N SER B 195 -19.42 -14.76 20.95
CA SER B 195 -18.01 -14.70 20.57
C SER B 195 -17.50 -13.27 20.66
N LEU B 196 -18.29 -12.29 20.20
CA LEU B 196 -17.86 -10.89 20.30
C LEU B 196 -17.68 -10.51 21.78
N GLY B 197 -18.57 -11.01 22.66
CA GLY B 197 -18.40 -10.73 24.10
C GLY B 197 -17.06 -11.21 24.63
N TYR B 198 -16.56 -12.38 24.16
CA TYR B 198 -15.25 -12.86 24.58
C TYR B 198 -14.13 -11.99 23.98
N VAL B 199 -14.30 -11.54 22.72
CA VAL B 199 -13.32 -10.65 22.09
C VAL B 199 -13.18 -9.37 22.92
N LEU B 200 -14.30 -8.81 23.37
CA LEU B 200 -14.25 -7.59 24.17
C LEU B 200 -13.53 -7.80 25.48
N MET B 201 -13.82 -8.93 26.16
CA MET B 201 -13.11 -9.20 27.41
C MET B 201 -11.64 -9.53 27.20
N TYR B 202 -11.29 -10.12 26.05
CA TYR B 202 -9.90 -10.40 25.68
C TYR B 202 -9.17 -9.03 25.53
N PHE B 203 -9.82 -8.04 24.89
CA PHE B 203 -9.19 -6.72 24.73
C PHE B 203 -8.99 -6.06 26.10
N ASN B 204 -9.95 -6.28 27.03
CA ASN B 204 -9.86 -5.69 28.38
C ASN B 204 -8.75 -6.31 29.21
N LEU B 205 -8.66 -7.63 29.19
CA LEU B 205 -7.74 -8.38 30.04
C LEU B 205 -6.35 -8.55 29.48
N GLY B 206 -6.24 -8.65 28.16
CA GLY B 206 -4.97 -8.93 27.51
C GLY B 206 -4.89 -10.39 27.11
N SER B 207 -5.71 -11.25 27.75
CA SER B 207 -5.80 -12.67 27.50
C SER B 207 -7.04 -13.19 28.18
N LEU B 208 -7.51 -14.35 27.72
CA LEU B 208 -8.66 -14.99 28.33
C LEU B 208 -8.15 -16.13 29.23
N PRO B 209 -8.91 -16.50 30.29
CA PRO B 209 -8.38 -17.49 31.25
C PRO B 209 -8.27 -18.90 30.71
N TRP B 210 -8.83 -19.17 29.52
CA TRP B 210 -8.73 -20.45 28.85
C TRP B 210 -7.66 -20.47 27.77
N GLN B 211 -6.80 -19.41 27.72
CA GLN B 211 -5.68 -19.39 26.80
C GLN B 211 -4.49 -20.10 27.46
N GLY B 212 -3.58 -20.57 26.63
CA GLY B 212 -2.34 -21.21 27.07
C GLY B 212 -2.49 -22.58 27.71
N LEU B 213 -3.56 -23.29 27.39
CA LEU B 213 -3.75 -24.61 27.97
C LEU B 213 -3.02 -25.60 27.07
N LYS B 214 -2.05 -26.38 27.64
CA LYS B 214 -1.27 -27.32 26.85
C LYS B 214 -2.07 -28.58 26.46
N ALA B 215 -1.88 -29.05 25.21
CA ALA B 215 -2.49 -30.27 24.71
C ALA B 215 -1.67 -30.84 23.56
N ALA B 216 -1.73 -32.15 23.41
CA ALA B 216 -1.01 -32.87 22.36
C ALA B 216 -1.74 -32.83 21.05
N THR B 217 -3.09 -32.65 21.07
CA THR B 217 -3.87 -32.63 19.84
C THR B 217 -4.89 -31.52 19.95
N LYS B 218 -5.44 -31.14 18.79
CA LYS B 218 -6.48 -30.14 18.67
C LYS B 218 -7.68 -30.56 19.52
N ARG B 219 -8.13 -31.81 19.36
CA ARG B 219 -9.23 -32.42 20.07
C ARG B 219 -9.06 -32.21 21.60
N GLN B 220 -7.86 -32.51 22.12
CA GLN B 220 -7.59 -32.36 23.54
C GLN B 220 -7.65 -30.88 23.97
N LYS B 221 -7.06 -29.99 23.14
CA LYS B 221 -7.01 -28.56 23.45
C LYS B 221 -8.41 -27.99 23.54
N TYR B 222 -9.26 -28.37 22.60
CA TYR B 222 -10.64 -27.86 22.55
C TYR B 222 -11.41 -28.31 23.77
N GLU B 223 -11.18 -29.56 24.23
CA GLU B 223 -11.82 -30.07 25.46
C GLU B 223 -11.39 -29.25 26.66
N ARG B 224 -10.08 -28.94 26.77
CA ARG B 224 -9.60 -28.20 27.92
C ARG B 224 -10.18 -26.77 27.94
N ILE B 225 -10.23 -26.15 26.75
CA ILE B 225 -10.78 -24.80 26.61
C ILE B 225 -12.27 -24.82 26.98
N SER B 226 -13.00 -25.77 26.45
CA SER B 226 -14.44 -25.91 26.75
C SER B 226 -14.67 -26.05 28.25
N GLU B 227 -13.92 -26.94 28.92
CA GLU B 227 -14.08 -27.14 30.34
C GLU B 227 -13.78 -25.86 31.15
N LYS B 228 -12.72 -25.12 30.79
CA LYS B 228 -12.41 -23.91 31.51
C LYS B 228 -13.45 -22.83 31.26
N LYS B 229 -13.87 -22.72 30.01
CA LYS B 229 -14.83 -21.69 29.66
C LYS B 229 -16.19 -21.92 30.38
N MET B 230 -16.66 -23.19 30.41
CA MET B 230 -17.92 -23.54 31.10
CA MET B 230 -17.95 -23.43 31.06
C MET B 230 -17.84 -23.32 32.59
N SER B 231 -16.65 -23.59 33.18
CA SER B 231 -16.51 -23.50 34.62
C SER B 231 -16.08 -22.11 35.14
N THR B 232 -16.03 -21.09 34.24
CA THR B 232 -15.68 -19.73 34.66
C THR B 232 -16.96 -18.90 34.64
N PRO B 233 -17.55 -18.58 35.82
CA PRO B 233 -18.76 -17.75 35.80
C PRO B 233 -18.49 -16.41 35.15
N ILE B 234 -19.50 -15.85 34.50
CA ILE B 234 -19.38 -14.55 33.81
C ILE B 234 -18.94 -13.46 34.80
N GLU B 235 -19.49 -13.49 36.02
CA GLU B 235 -19.16 -12.49 37.03
C GLU B 235 -17.70 -12.64 37.51
N VAL B 236 -17.09 -13.84 37.38
CA VAL B 236 -15.68 -14.06 37.70
C VAL B 236 -14.81 -13.58 36.51
N LEU B 237 -15.16 -14.00 35.29
CA LEU B 237 -14.44 -13.59 34.10
C LEU B 237 -14.34 -12.05 34.01
N CYS B 238 -15.45 -11.37 34.28
CA CYS B 238 -15.56 -9.92 34.14
C CYS B 238 -15.27 -9.13 35.40
N LYS B 239 -14.75 -9.80 36.45
CA LYS B 239 -14.44 -9.17 37.74
C LYS B 239 -13.53 -7.95 37.55
N GLY B 240 -13.93 -6.83 38.14
CA GLY B 240 -13.13 -5.61 38.06
C GLY B 240 -13.27 -4.81 36.79
N TYR B 241 -14.27 -5.14 35.94
CA TYR B 241 -14.54 -4.38 34.72
C TYR B 241 -15.96 -3.92 34.81
N PRO B 242 -16.35 -2.87 34.03
CA PRO B 242 -17.75 -2.40 34.05
C PRO B 242 -18.75 -3.54 33.86
N SER B 243 -19.85 -3.50 34.65
CA SER B 243 -20.89 -4.53 34.64
C SER B 243 -21.47 -4.81 33.26
N GLU B 244 -21.40 -3.82 32.33
CA GLU B 244 -21.92 -3.95 30.97
C GLU B 244 -21.33 -5.14 30.22
N PHE B 245 -20.06 -5.49 30.48
CA PHE B 245 -19.45 -6.64 29.81
C PHE B 245 -20.07 -7.96 30.25
N ALA B 246 -20.39 -8.08 31.55
CA ALA B 246 -21.09 -9.27 32.06
C ALA B 246 -22.55 -9.28 31.60
N THR B 247 -23.25 -8.11 31.62
CA THR B 247 -24.65 -8.02 31.17
C THR B 247 -24.74 -8.48 29.70
N TYR B 248 -23.78 -8.00 28.88
CA TYR B 248 -23.73 -8.35 27.45
C TYR B 248 -23.61 -9.87 27.33
N LEU B 249 -22.62 -10.46 28.02
CA LEU B 249 -22.44 -11.92 27.90
C LEU B 249 -23.62 -12.71 28.41
N ASN B 250 -24.21 -12.30 29.56
CA ASN B 250 -25.36 -13.03 30.08
C ASN B 250 -26.53 -12.96 29.12
N PHE B 251 -26.76 -11.80 28.46
CA PHE B 251 -27.84 -11.64 27.51
C PHE B 251 -27.66 -12.61 26.34
N CYS B 252 -26.42 -12.68 25.81
CA CYS B 252 -26.16 -13.58 24.67
C CYS B 252 -26.35 -15.03 25.02
N ARG B 253 -25.90 -15.42 26.20
CA ARG B 253 -26.03 -16.79 26.66
C ARG B 253 -27.46 -17.17 26.99
N SER B 254 -28.37 -16.17 27.20
CA SER B 254 -29.78 -16.41 27.54
C SER B 254 -30.66 -16.62 26.30
N LEU B 255 -30.16 -16.30 25.10
CA LEU B 255 -30.92 -16.36 23.86
C LEU B 255 -31.24 -17.79 23.45
N ARG B 256 -32.46 -18.02 22.93
CA ARG B 256 -32.84 -19.32 22.42
C ARG B 256 -32.15 -19.44 21.08
N PHE B 257 -32.03 -20.68 20.62
CA PHE B 257 -31.38 -21.01 19.37
C PHE B 257 -31.89 -20.13 18.22
N ASP B 258 -33.21 -19.99 18.07
CA ASP B 258 -33.71 -19.22 16.93
C ASP B 258 -34.12 -17.78 17.27
N ASP B 259 -33.81 -17.27 18.48
CA ASP B 259 -34.17 -15.92 18.88
C ASP B 259 -33.48 -14.85 18.05
N LYS B 260 -34.20 -13.75 17.78
CA LYS B 260 -33.61 -12.58 17.15
C LYS B 260 -32.96 -11.76 18.28
N PRO B 261 -31.63 -11.52 18.23
CA PRO B 261 -31.00 -10.70 19.28
C PRO B 261 -31.49 -9.25 19.30
N ASP B 262 -31.48 -8.61 20.48
CA ASP B 262 -31.80 -7.19 20.60
C ASP B 262 -30.47 -6.40 20.48
N TYR B 263 -30.04 -6.22 19.23
CA TYR B 263 -28.78 -5.53 18.90
C TYR B 263 -28.72 -4.12 19.47
N SER B 264 -29.84 -3.38 19.44
CA SER B 264 -29.85 -2.00 19.96
C SER B 264 -29.70 -1.95 21.45
N TYR B 265 -30.28 -2.93 22.17
CA TYR B 265 -30.12 -3.05 23.60
C TYR B 265 -28.63 -3.26 23.91
N LEU B 266 -27.97 -4.14 23.14
CA LEU B 266 -26.56 -4.41 23.38
C LEU B 266 -25.67 -3.21 23.09
N ARG B 267 -25.91 -2.52 21.95
CA ARG B 267 -25.16 -1.28 21.67
C ARG B 267 -25.40 -0.23 22.76
N GLN B 268 -26.66 -0.10 23.22
CA GLN B 268 -26.99 0.88 24.26
C GLN B 268 -26.27 0.65 25.58
N LEU B 269 -25.99 -0.62 25.96
CA LEU B 269 -25.22 -0.89 27.19
C LEU B 269 -23.90 -0.15 27.14
N PHE B 270 -23.18 -0.29 26.02
CA PHE B 270 -21.86 0.31 25.88
C PHE B 270 -21.90 1.81 25.60
N ARG B 271 -22.92 2.27 24.86
CA ARG B 271 -23.09 3.72 24.58
C ARG B 271 -23.39 4.46 25.88
N ASN B 272 -24.25 3.90 26.74
CA ASN B 272 -24.55 4.50 28.05
C ASN B 272 -23.31 4.59 28.92
N LEU B 273 -22.49 3.50 28.97
CA LEU B 273 -21.25 3.46 29.71
C LEU B 273 -20.27 4.50 29.19
N PHE B 274 -20.15 4.60 27.85
CA PHE B 274 -19.29 5.59 27.20
C PHE B 274 -19.65 7.01 27.70
N HIS B 275 -20.95 7.36 27.67
CA HIS B 275 -21.47 8.65 28.14
C HIS B 275 -21.16 8.87 29.61
N ARG B 276 -21.42 7.85 30.48
CA ARG B 276 -21.15 7.95 31.91
C ARG B 276 -19.68 8.21 32.22
N GLN B 277 -18.79 7.64 31.39
CA GLN B 277 -17.34 7.81 31.54
C GLN B 277 -16.87 9.22 31.09
N GLY B 278 -17.72 9.96 30.40
CA GLY B 278 -17.41 11.31 29.92
C GLY B 278 -16.44 11.32 28.76
N PHE B 279 -16.35 10.22 28.00
CA PHE B 279 -15.44 10.15 26.85
C PHE B 279 -15.96 11.01 25.70
N SER B 280 -15.02 11.53 24.87
CA SER B 280 -15.34 12.34 23.69
C SER B 280 -15.64 11.42 22.51
N TYR B 281 -16.60 11.83 21.68
CA TYR B 281 -17.06 11.11 20.49
C TYR B 281 -16.23 11.65 19.32
N ASP B 282 -14.95 11.27 19.27
CA ASP B 282 -14.01 11.77 18.27
C ASP B 282 -13.34 10.70 17.41
N TYR B 283 -13.60 9.42 17.73
CA TYR B 283 -13.02 8.23 17.08
C TYR B 283 -11.51 8.20 17.19
N VAL B 284 -10.95 8.73 18.30
CA VAL B 284 -9.50 8.67 18.51
C VAL B 284 -9.21 7.38 19.28
N PHE B 285 -8.64 6.40 18.60
CA PHE B 285 -8.33 5.09 19.16
C PHE B 285 -6.94 5.10 19.75
N ASP B 286 -6.59 4.08 20.57
CA ASP B 286 -5.26 4.00 21.17
C ASP B 286 -4.14 4.08 20.15
N TRP B 287 -4.28 3.39 19.02
CA TRP B 287 -3.24 3.41 18.00
C TRP B 287 -3.06 4.78 17.30
N ASN B 288 -4.06 5.67 17.37
CA ASN B 288 -3.92 7.03 16.79
C ASN B 288 -2.98 7.90 17.62
N MET B 289 -2.62 7.43 18.85
CA MET B 289 -1.72 8.15 19.76
C MET B 289 -0.27 7.66 19.67
N LEU B 290 0.02 6.62 18.85
CA LEU B 290 1.37 6.04 18.70
C LEU B 290 2.34 7.04 18.08
N LYS B 291 3.60 7.08 18.57
CA LYS B 291 4.59 8.06 18.10
C LYS B 291 5.82 7.44 17.45
S SO4 C . 24.60 -0.42 -19.49
O1 SO4 C . 23.94 0.79 -20.08
O2 SO4 C . 25.98 -0.08 -19.30
O3 SO4 C . 23.93 -0.75 -18.25
O4 SO4 C . 24.48 -1.48 -20.46
S SO4 D . 37.01 0.33 -11.91
O1 SO4 D . 37.14 1.36 -12.95
O2 SO4 D . 38.32 -0.02 -11.34
O3 SO4 D . 36.11 0.88 -10.82
O4 SO4 D . 36.36 -0.83 -12.42
S SO4 E . 29.74 18.66 -6.82
O1 SO4 E . 29.47 19.00 -8.21
O2 SO4 E . 29.72 19.92 -6.06
O3 SO4 E . 31.05 18.00 -6.73
O4 SO4 E . 28.71 17.74 -6.28
C13 S93 F . 6.77 0.91 -5.91
C17 S93 F . 5.26 -1.30 -4.64
C16 S93 F . 4.06 -0.38 -6.66
C15 S93 F . 3.41 0.38 -4.37
C11 S93 F . 8.73 2.31 -6.68
C12 S93 F . 7.31 3.08 -4.82
O1 S93 F . 7.16 -0.03 -6.56
N4 S93 F . 5.53 1.03 -5.37
C14 S93 F . 4.54 -0.08 -5.27
N3 S93 F . 7.69 1.97 -5.73
C9 S93 F . 8.47 3.86 -4.38
C7 S93 F . 8.63 4.86 -3.45
C8 S93 F . 7.46 5.43 -2.73
N S93 F . 7.54 6.67 -2.22
O S93 F . 6.42 4.80 -2.61
C10 S93 F . 10.03 2.63 -5.94
N2 S93 F . 9.73 3.62 -4.91
N1 S93 F . 10.68 4.41 -4.35
C6 S93 F . 10.01 5.18 -3.43
C5 S93 F . 10.79 6.10 -2.62
C S93 F . 11.82 6.85 -3.20
C4 S93 F . 10.57 6.17 -1.23
C3 S93 F . 11.40 6.95 -0.46
CL S93 F . 11.14 6.99 1.26
C2 S93 F . 12.44 7.68 -1.03
F S93 F . 13.19 8.45 -0.27
C1 S93 F . 12.65 7.64 -2.41
H18 S93 F . 5.81 -1.89 -5.38
H19 S93 F . 4.55 -1.97 -4.16
H20 S93 F . 5.96 -1.00 -3.87
H17 S93 F . 3.90 0.53 -7.23
H16 S93 F . 3.10 -0.91 -6.64
H15 S93 F . 4.77 -1.00 -7.22
H13 S93 F . 2.74 1.08 -4.87
H12 S93 F . 3.78 0.87 -3.47
H14 S93 F . 2.79 -0.45 -4.04
H7 S93 F . 8.90 1.48 -7.37
H8 S93 F . 8.45 3.14 -7.32
H10 S93 F . 6.57 3.76 -5.27
H9 S93 F . 6.84 2.67 -3.93
H11 S93 F . 5.15 1.93 -5.07
H3 S93 F . 8.36 7.28 -2.31
H4 S93 F . 6.75 7.09 -1.73
H6 S93 F . 10.41 1.73 -5.47
H5 S93 F . 10.81 3.00 -6.59
H S93 F . 11.98 6.82 -4.29
H2 S93 F . 9.76 5.64 -0.74
H1 S93 F . 13.47 8.21 -2.87
S SO4 G . -4.95 -20.43 22.74
O1 SO4 G . -6.20 -19.67 22.88
O2 SO4 G . -4.23 -20.05 21.52
O3 SO4 G . -4.06 -20.15 23.87
O4 SO4 G . -5.25 -21.82 22.76
S SO4 H . -21.96 -26.81 8.31
O1 SO4 H . -23.00 -26.75 7.28
O2 SO4 H . -20.82 -25.98 7.90
O3 SO4 H . -22.52 -26.26 9.55
O4 SO4 H . -21.48 -28.17 8.52
C13 S93 I . -2.85 -5.19 6.56
C17 S93 I . -0.30 -3.97 5.49
C16 S93 I . -1.57 -2.39 6.94
C15 S93 I . -1.86 -2.30 4.47
C11 S93 I . -4.48 -6.93 7.43
C12 S93 I . -4.88 -5.82 5.25
O1 S93 I . -2.05 -5.49 7.40
N4 S93 I . -2.79 -4.06 5.80
C14 S93 I . -1.61 -3.19 5.66
N3 S93 I . -3.95 -6.05 6.36
C9 S93 I . -5.67 -7.01 4.92
C7 S93 I . -6.54 -7.28 3.85
C8 S93 I . -6.85 -6.28 2.83
N S93 I . -8.04 -6.37 2.13
O S93 I . -6.11 -5.31 2.63
C10 S93 I . -4.83 -8.32 6.91
N2 S93 I . -5.63 -8.13 5.68
N1 S93 I . -6.40 -9.11 5.19
C6 S93 I . -6.98 -8.62 4.05
C5 S93 I . -7.83 -9.50 3.28
C S93 I . -8.78 -10.30 3.91
C4 S93 I . -7.67 -9.57 1.88
C3 S93 I . -8.44 -10.46 1.18
CL S93 I . -8.22 -10.62 -0.52
C2 S93 I . -9.36 -11.28 1.80
F S93 I . -10.04 -12.15 1.09
C1 S93 I . -9.56 -11.19 3.18
H18 S93 I . 0.53 -3.32 5.22
H19 S93 I . -0.38 -4.71 4.70
H20 S93 I . 0.03 -4.52 6.38
H17 S93 I . -2.55 -2.03 7.23
H16 S93 I . -0.93 -1.51 6.82
H15 S93 I . -1.17 -2.98 7.77
H13 S93 I . -2.46 -1.42 4.71
H12 S93 I . -2.38 -2.81 3.67
H14 S93 I . -0.93 -1.93 4.03
H7 S93 I . -3.74 -7.02 8.22
H8 S93 I . -5.34 -6.48 7.92
H10 S93 I . -5.56 -4.98 5.41
H9 S93 I . -4.28 -5.56 4.37
H11 S93 I . -3.64 -3.68 5.37
H3 S93 I . -8.74 -7.09 2.31
H4 S93 I . -8.26 -5.69 1.42
H6 S93 I . -3.93 -8.89 6.69
H5 S93 I . -5.41 -8.90 7.63
H S93 I . -8.92 -10.23 4.98
H2 S93 I . -6.95 -8.95 1.35
H1 S93 I . -10.31 -11.81 3.69
#